data_6NHZ
#
_entry.id   6NHZ
#
_cell.length_a   39.618
_cell.length_b   51.630
_cell.length_c   72.874
_cell.angle_alpha   90.00
_cell.angle_beta   99.57
_cell.angle_gamma   90.00
#
_symmetry.space_group_name_H-M   'P 1 21 1'
#
loop_
_entity.id
_entity.type
_entity.pdbx_description
1 polymer 'ATP-dependent DNA ligase'
2 non-polymer "ADENOSINE-5'-TRIPHOSPHATE"
3 non-polymer 'MAGNESIUM ION'
4 water water
#
_entity_poly.entity_id   1
_entity_poly.type   'polypeptide(L)'
_entity_poly.pdbx_seq_one_letter_code
;SMFEFDNLAPMLATHGTVAGLKASQWAFEGMWDGYRLLVEADHGAVRLRSRSGRDVTAEYPQLRALAEDLADHHVVLDGE
AVVLDSSGVPSFSQMQNRGRDTRVEFWAFDLLYLDGRALLGTRYQDRRKLLETLANATSLTVPELLPGDGAQAFACSRKH
GWEGVIAKRRDSRYQPGRRCASWVKDKHWNTQEVVIGGWRAGEGGRSSGVGSLLMGIPGPGGLQFAGRVGTGLSERELAN
LKEMLAPLHTDESPFDVPLPARDAKGITYVKPALVAEVRYSEWTPEGRLRQSSWRGLRPDKKPSEVVRE
;
_entity_poly.pdbx_strand_id   A
#
loop_
_chem_comp.id
_chem_comp.type
_chem_comp.name
_chem_comp.formula
ATP non-polymer ADENOSINE-5'-TRIPHOSPHATE 'C10 H16 N5 O13 P3'
MG non-polymer 'MAGNESIUM ION' 'Mg 2'
#
# COMPACT_ATOMS: atom_id res chain seq x y z
N SER A 1 30.55 -13.87 2.98
CA SER A 1 30.59 -12.41 3.15
C SER A 1 29.44 -11.95 4.05
N MET A 2 29.65 -10.85 4.80
CA MET A 2 28.97 -10.65 6.08
C MET A 2 27.77 -9.72 6.06
N PHE A 3 27.50 -9.00 4.98
CA PHE A 3 26.18 -8.36 4.85
C PHE A 3 25.14 -9.47 4.79
N GLU A 4 24.16 -9.45 5.67
CA GLU A 4 23.26 -10.60 5.68
C GLU A 4 21.88 -10.15 5.24
N PHE A 5 21.62 -10.31 3.94
CA PHE A 5 20.27 -10.11 3.39
C PHE A 5 19.22 -10.87 4.20
N ASP A 6 19.55 -12.07 4.67
CA ASP A 6 18.60 -12.87 5.44
C ASP A 6 18.33 -12.32 6.83
N ASN A 7 19.06 -11.30 7.28
CA ASN A 7 18.80 -10.63 8.55
C ASN A 7 18.24 -9.23 8.37
N LEU A 8 17.79 -8.88 7.17
CA LEU A 8 17.45 -7.50 6.85
C LEU A 8 15.95 -7.28 6.97
N ALA A 9 15.57 -6.20 7.67
CA ALA A 9 14.22 -5.68 7.75
C ALA A 9 14.16 -4.29 7.14
N PRO A 10 13.06 -3.91 6.52
CA PRO A 10 12.98 -2.59 5.87
C PRO A 10 12.91 -1.45 6.86
N MET A 11 13.50 -0.32 6.46
CA MET A 11 13.38 0.94 7.19
C MET A 11 11.97 1.50 7.03
N LEU A 12 11.49 2.16 8.09
CA LEU A 12 10.13 2.68 8.15
C LEU A 12 10.12 4.19 8.36
N ALA A 13 9.03 4.83 7.92
CA ALA A 13 8.88 6.29 7.95
C ALA A 13 7.93 6.71 9.08
N THR A 14 8.04 7.97 9.45
CA THR A 14 7.23 8.56 10.51
C THR A 14 6.17 9.47 9.91
N HIS A 15 4.93 9.35 10.38
CA HIS A 15 3.87 10.22 9.89
C HIS A 15 4.20 11.68 10.20
N GLY A 16 4.06 12.53 9.20
CA GLY A 16 4.43 13.92 9.35
C GLY A 16 3.91 14.76 8.20
N THR A 17 4.32 16.02 8.18
CA THR A 17 3.99 16.94 7.10
C THR A 17 5.23 17.30 6.30
N VAL A 18 5.18 17.15 4.97
CA VAL A 18 6.34 17.47 4.13
C VAL A 18 6.31 18.88 3.52
N ALA A 19 5.17 19.57 3.56
CA ALA A 19 5.01 20.81 2.79
C ALA A 19 6.07 21.87 3.12
N GLY A 20 6.56 21.90 4.36
CA GLY A 20 7.54 22.89 4.72
C GLY A 20 8.98 22.48 4.54
N LEU A 21 9.24 21.27 4.04
CA LEU A 21 10.61 20.82 3.86
C LEU A 21 11.17 21.31 2.52
N LYS A 22 12.49 21.39 2.46
CA LYS A 22 13.21 21.92 1.31
C LYS A 22 13.94 20.78 0.59
N ALA A 23 13.94 20.85 -0.75
CA ALA A 23 14.68 19.85 -1.54
C ALA A 23 16.16 19.88 -1.29
N SER A 24 16.72 21.00 -0.79
CA SER A 24 18.15 21.05 -0.49
C SER A 24 18.53 20.03 0.57
N GLN A 25 17.57 19.64 1.40
CA GLN A 25 17.80 18.79 2.55
C GLN A 25 17.09 17.44 2.45
N TRP A 26 15.98 17.37 1.71
CA TRP A 26 15.07 16.24 1.67
C TRP A 26 14.83 15.77 0.23
N ALA A 27 14.86 14.46 0.03
CA ALA A 27 14.46 13.84 -1.23
C ALA A 27 12.98 13.48 -1.15
N PHE A 28 12.18 14.01 -2.09
CA PHE A 28 10.74 13.75 -2.09
C PHE A 28 10.42 12.62 -3.07
N GLU A 29 10.05 11.46 -2.53
CA GLU A 29 9.59 10.34 -3.34
C GLU A 29 8.06 10.26 -3.34
N GLY A 30 7.51 9.73 -4.43
CA GLY A 30 6.11 9.32 -4.40
C GLY A 30 5.91 8.13 -3.47
N MET A 31 4.72 8.09 -2.86
CA MET A 31 4.34 6.99 -1.98
C MET A 31 3.52 5.98 -2.78
N TRP A 32 4.02 4.73 -2.88
CA TRP A 32 3.49 3.69 -3.75
C TRP A 32 2.65 2.72 -2.93
N ASP A 33 1.37 2.61 -3.25
CA ASP A 33 0.49 1.69 -2.52
C ASP A 33 0.67 0.31 -3.13
N GLY A 34 1.61 -0.45 -2.59
CA GLY A 34 1.87 -1.81 -3.05
C GLY A 34 2.29 -2.68 -1.91
N TYR A 35 3.20 -3.61 -2.18
CA TYR A 35 3.78 -4.49 -1.18
C TYR A 35 5.25 -4.14 -1.04
N ARG A 36 5.69 -3.89 0.19
CA ARG A 36 7.10 -3.58 0.44
C ARG A 36 7.97 -4.81 0.24
N LEU A 37 9.07 -4.67 -0.50
CA LEU A 37 9.96 -5.79 -0.76
C LEU A 37 11.43 -5.39 -0.66
N LEU A 38 12.22 -6.28 -0.06
CA LEU A 38 13.67 -6.26 -0.20
C LEU A 38 14.05 -7.30 -1.24
N VAL A 39 15.02 -6.96 -2.08
CA VAL A 39 15.34 -7.80 -3.23
C VAL A 39 16.85 -8.04 -3.22
N GLU A 40 17.25 -9.32 -3.27
CA GLU A 40 18.64 -9.68 -3.51
C GLU A 40 18.72 -10.24 -4.92
N ALA A 41 19.51 -9.60 -5.76
CA ALA A 41 19.76 -10.04 -7.13
C ALA A 41 21.24 -10.39 -7.18
N ASP A 42 21.53 -11.70 -7.11
CA ASP A 42 22.91 -12.17 -7.12
C ASP A 42 23.18 -12.66 -8.53
N HIS A 43 23.80 -11.80 -9.34
CA HIS A 43 24.17 -12.11 -10.72
C HIS A 43 22.99 -12.73 -11.47
N GLY A 44 21.83 -12.09 -11.33
CA GLY A 44 20.62 -12.46 -12.06
C GLY A 44 19.61 -13.23 -11.23
N ALA A 45 20.06 -14.03 -10.27
CA ALA A 45 19.17 -14.84 -9.44
C ALA A 45 18.52 -13.97 -8.37
N VAL A 46 17.18 -13.92 -8.38
CA VAL A 46 16.43 -12.99 -7.54
C VAL A 46 15.82 -13.74 -6.37
N ARG A 47 16.01 -13.19 -5.16
CA ARG A 47 15.30 -13.64 -3.97
C ARG A 47 14.58 -12.44 -3.38
N LEU A 48 13.37 -12.68 -2.87
CA LEU A 48 12.50 -11.65 -2.34
C LEU A 48 12.28 -11.87 -0.86
N ARG A 49 12.18 -10.76 -0.14
CA ARG A 49 12.12 -10.82 1.30
C ARG A 49 11.03 -9.86 1.72
N SER A 50 10.06 -10.39 2.46
CA SER A 50 8.98 -9.54 2.92
C SER A 50 9.46 -8.65 4.06
N ARG A 51 8.62 -7.68 4.40
CA ARG A 51 8.89 -6.88 5.60
C ARG A 51 8.94 -7.75 6.85
N SER A 52 8.03 -8.71 6.97
CA SER A 52 8.08 -9.64 8.11
C SER A 52 9.36 -10.47 8.16
N GLY A 53 10.21 -10.37 7.15
CA GLY A 53 11.49 -11.07 7.17
C GLY A 53 11.43 -12.50 6.70
N ARG A 54 10.60 -12.80 5.71
CA ARG A 54 10.44 -14.16 5.22
C ARG A 54 10.66 -14.18 3.71
N ASP A 55 11.14 -15.32 3.22
CA ASP A 55 11.31 -15.54 1.79
C ASP A 55 9.93 -15.59 1.13
N VAL A 56 9.64 -14.63 0.25
CA VAL A 56 8.40 -14.62 -0.52
C VAL A 56 8.70 -14.67 -2.02
N THR A 57 9.88 -15.18 -2.37
CA THR A 57 10.27 -15.35 -3.78
C THR A 57 9.19 -16.05 -4.58
N ALA A 58 8.68 -17.17 -4.08
CA ALA A 58 7.72 -17.98 -4.82
C ALA A 58 6.38 -17.31 -5.00
N GLU A 59 6.11 -16.22 -4.28
CA GLU A 59 4.83 -15.54 -4.39
C GLU A 59 4.79 -14.50 -5.50
N TYR A 60 5.92 -14.21 -6.15
CA TYR A 60 5.98 -13.22 -7.22
C TYR A 60 6.82 -13.76 -8.36
N PRO A 61 6.35 -14.80 -9.06
CA PRO A 61 7.13 -15.30 -10.20
C PRO A 61 7.30 -14.28 -11.31
N GLN A 62 6.40 -13.29 -11.40
CA GLN A 62 6.56 -12.22 -12.37
C GLN A 62 7.82 -11.39 -12.14
N LEU A 63 8.42 -11.48 -10.94
CA LEU A 63 9.64 -10.73 -10.63
C LEU A 63 10.91 -11.55 -10.80
N ARG A 64 10.80 -12.80 -11.27
CA ARG A 64 11.97 -13.64 -11.48
C ARG A 64 12.95 -13.01 -12.47
N ALA A 65 12.45 -12.22 -13.42
CA ALA A 65 13.28 -11.59 -14.44
C ALA A 65 13.71 -10.19 -14.05
N LEU A 66 13.47 -9.79 -12.81
CA LEU A 66 13.72 -8.41 -12.38
C LEU A 66 15.14 -7.98 -12.71
N ALA A 67 16.09 -8.90 -12.57
CA ALA A 67 17.51 -8.62 -12.63
C ALA A 67 18.12 -9.08 -13.95
N GLU A 68 17.30 -9.25 -14.98
CA GLU A 68 17.80 -9.75 -16.27
C GLU A 68 18.89 -8.85 -16.83
N ASP A 69 18.82 -7.55 -16.57
CA ASP A 69 19.83 -6.63 -17.09
C ASP A 69 20.98 -6.45 -16.13
N LEU A 70 20.92 -7.10 -14.97
CA LEU A 70 21.90 -6.90 -13.90
C LEU A 70 22.70 -8.16 -13.60
N ALA A 71 22.92 -9.01 -14.61
CA ALA A 71 23.60 -10.29 -14.37
C ALA A 71 25.05 -10.12 -13.95
N ASP A 72 25.67 -8.98 -14.24
CA ASP A 72 27.06 -8.75 -13.87
C ASP A 72 27.21 -8.21 -12.46
N HIS A 73 26.12 -8.06 -11.73
CA HIS A 73 26.14 -7.39 -10.43
C HIS A 73 25.53 -8.26 -9.35
N HIS A 74 25.91 -7.97 -8.11
CA HIS A 74 25.26 -8.53 -6.92
C HIS A 74 24.74 -7.34 -6.14
N VAL A 75 23.41 -7.21 -6.04
CA VAL A 75 22.83 -6.04 -5.37
C VAL A 75 21.79 -6.47 -4.35
N VAL A 76 21.52 -5.58 -3.39
CA VAL A 76 20.33 -5.68 -2.56
C VAL A 76 19.53 -4.41 -2.77
N LEU A 77 18.25 -4.56 -3.12
CA LEU A 77 17.37 -3.44 -3.43
C LEU A 77 16.26 -3.34 -2.39
N ASP A 78 15.71 -2.13 -2.25
CA ASP A 78 14.53 -1.84 -1.44
C ASP A 78 13.52 -1.13 -2.34
N GLY A 79 12.25 -1.48 -2.21
CA GLY A 79 11.26 -0.94 -3.15
C GLY A 79 9.86 -1.44 -2.86
N GLU A 80 8.95 -1.15 -3.79
CA GLU A 80 7.55 -1.57 -3.71
C GLU A 80 7.19 -2.37 -4.95
N ALA A 81 6.68 -3.58 -4.75
CA ALA A 81 5.96 -4.28 -5.81
C ALA A 81 4.61 -3.63 -5.99
N VAL A 82 4.25 -3.28 -7.24
CA VAL A 82 2.99 -2.60 -7.51
C VAL A 82 2.24 -3.30 -8.64
N VAL A 83 0.91 -3.12 -8.62
CA VAL A 83 0.06 -3.47 -9.75
C VAL A 83 -0.75 -2.22 -10.08
N LEU A 84 -0.66 -1.77 -11.35
CA LEU A 84 -1.23 -0.49 -11.76
C LEU A 84 -2.69 -0.66 -12.18
N ASP A 85 -3.56 0.20 -11.65
CA ASP A 85 -4.96 0.21 -12.06
C ASP A 85 -5.07 0.87 -13.44
N SER A 86 -6.32 1.08 -13.89
CA SER A 86 -6.56 1.64 -15.21
C SER A 86 -6.02 3.06 -15.36
N SER A 87 -5.68 3.72 -14.26
CA SER A 87 -5.06 5.04 -14.31
C SER A 87 -3.54 4.96 -14.24
N GLY A 88 -2.97 3.76 -14.21
CA GLY A 88 -1.54 3.63 -13.97
C GLY A 88 -1.11 4.00 -12.57
N VAL A 89 -2.03 4.01 -11.62
CA VAL A 89 -1.72 4.26 -10.21
C VAL A 89 -1.67 2.91 -9.49
N PRO A 90 -0.64 2.64 -8.71
CA PRO A 90 -0.59 1.35 -8.00
C PRO A 90 -1.85 1.14 -7.19
N SER A 91 -2.41 -0.07 -7.28
CA SER A 91 -3.64 -0.42 -6.58
C SER A 91 -3.33 -1.51 -5.57
N PHE A 92 -3.63 -1.24 -4.29
CA PHE A 92 -3.39 -2.25 -3.27
C PHE A 92 -4.29 -3.46 -3.47
N SER A 93 -5.57 -3.21 -3.74
CA SER A 93 -6.51 -4.33 -3.89
C SER A 93 -6.20 -5.17 -5.12
N GLN A 94 -5.76 -4.55 -6.22
CA GLN A 94 -5.36 -5.34 -7.38
C GLN A 94 -4.07 -6.12 -7.10
N MET A 95 -3.25 -5.67 -6.16
CA MET A 95 -2.08 -6.45 -5.76
C MET A 95 -2.49 -7.66 -4.96
N GLN A 96 -3.38 -7.48 -3.97
CA GLN A 96 -3.72 -8.58 -3.07
C GLN A 96 -4.60 -9.62 -3.74
N ASN A 97 -5.28 -9.26 -4.83
CA ASN A 97 -6.19 -10.15 -5.54
C ASN A 97 -5.66 -10.46 -6.93
N ARG A 98 -4.34 -10.56 -7.06
CA ARG A 98 -3.72 -10.65 -8.37
C ARG A 98 -3.78 -12.09 -8.91
N GLY A 99 -3.82 -12.19 -10.23
CA GLY A 99 -3.86 -13.47 -10.91
C GLY A 99 -2.60 -13.74 -11.70
N ARG A 100 -2.72 -14.72 -12.61
CA ARG A 100 -1.58 -15.07 -13.46
C ARG A 100 -1.37 -14.07 -14.58
N ASP A 101 -2.44 -13.49 -15.11
CA ASP A 101 -2.31 -12.42 -16.09
C ASP A 101 -1.95 -11.07 -15.46
N THR A 102 -1.80 -11.00 -14.13
CA THR A 102 -1.55 -9.71 -13.48
C THR A 102 -0.08 -9.32 -13.59
N ARG A 103 0.15 -8.12 -14.12
CA ARG A 103 1.49 -7.56 -14.24
C ARG A 103 1.93 -6.95 -12.92
N VAL A 104 2.95 -7.54 -12.31
CA VAL A 104 3.56 -6.99 -11.10
C VAL A 104 4.84 -6.29 -11.51
N GLU A 105 5.02 -5.05 -11.06
CA GLU A 105 6.25 -4.30 -11.26
C GLU A 105 6.93 -4.11 -9.92
N PHE A 106 8.26 -4.02 -9.94
CA PHE A 106 9.03 -3.66 -8.76
C PHE A 106 9.61 -2.27 -8.99
N TRP A 107 9.22 -1.32 -8.16
CA TRP A 107 9.70 0.04 -8.27
C TRP A 107 10.72 0.24 -7.16
N ALA A 108 12.00 0.39 -7.54
CA ALA A 108 13.08 0.41 -6.57
C ALA A 108 13.31 1.83 -6.06
N PHE A 109 13.51 1.96 -4.74
CA PHE A 109 13.85 3.27 -4.19
C PHE A 109 15.03 3.26 -3.22
N ASP A 110 15.72 2.13 -3.03
CA ASP A 110 17.00 2.19 -2.34
C ASP A 110 17.92 1.09 -2.83
N LEU A 111 19.20 1.29 -2.56
CA LEU A 111 20.24 0.33 -2.87
C LEU A 111 21.04 0.12 -1.59
N LEU A 112 21.03 -1.12 -1.10
CA LEU A 112 21.61 -1.45 0.20
C LEU A 112 22.94 -2.17 0.09
N TYR A 113 23.29 -2.66 -1.09
CA TYR A 113 24.48 -3.47 -1.26
C TYR A 113 24.80 -3.50 -2.74
N LEU A 114 26.07 -3.34 -3.12
CA LEU A 114 26.44 -3.28 -4.53
C LEU A 114 27.83 -3.91 -4.67
N ASP A 115 27.89 -5.09 -5.28
CA ASP A 115 29.15 -5.70 -5.70
C ASP A 115 30.19 -5.67 -4.57
N GLY A 116 29.81 -6.21 -3.42
CA GLY A 116 30.67 -6.34 -2.26
C GLY A 116 30.73 -5.14 -1.32
N ARG A 117 29.99 -4.06 -1.59
CA ARG A 117 29.97 -2.87 -0.76
C ARG A 117 28.58 -2.73 -0.14
N ALA A 118 28.51 -2.94 1.18
CA ALA A 118 27.30 -2.67 1.93
C ALA A 118 27.15 -1.15 2.12
N LEU A 119 25.92 -0.66 1.97
CA LEU A 119 25.68 0.77 1.91
C LEU A 119 24.78 1.29 3.04
N LEU A 120 24.57 0.51 4.11
CA LEU A 120 23.72 0.97 5.20
C LEU A 120 24.26 2.25 5.85
N GLY A 121 25.58 2.41 5.87
CA GLY A 121 26.24 3.57 6.43
C GLY A 121 26.53 4.67 5.43
N THR A 122 26.03 4.54 4.21
CA THR A 122 26.24 5.55 3.18
C THR A 122 25.01 6.45 3.14
N ARG A 123 25.23 7.75 2.97
CA ARG A 123 24.12 8.71 2.95
C ARG A 123 23.15 8.42 1.81
N TYR A 124 21.87 8.74 2.05
CA TYR A 124 20.83 8.50 1.03
C TYR A 124 21.23 9.11 -0.31
N GLN A 125 21.70 10.36 -0.28
CA GLN A 125 22.08 11.04 -1.52
C GLN A 125 23.02 10.19 -2.36
N ASP A 126 23.97 9.52 -1.71
CA ASP A 126 24.96 8.72 -2.42
C ASP A 126 24.41 7.35 -2.81
N ARG A 127 23.60 6.72 -1.94
CA ARG A 127 22.95 5.47 -2.33
C ARG A 127 22.10 5.65 -3.57
N ARG A 128 21.34 6.76 -3.60
CA ARG A 128 20.47 7.05 -4.74
C ARG A 128 21.27 7.22 -6.03
N LYS A 129 22.41 7.90 -5.96
CA LYS A 129 23.23 8.04 -7.16
C LYS A 129 23.73 6.68 -7.64
N LEU A 130 24.15 5.80 -6.72
CA LEU A 130 24.56 4.45 -7.12
C LEU A 130 23.38 3.69 -7.70
N LEU A 131 22.18 3.90 -7.13
CA LEU A 131 20.99 3.26 -7.68
C LEU A 131 20.73 3.71 -9.10
N GLU A 132 20.94 4.99 -9.38
CA GLU A 132 20.70 5.49 -10.73
C GLU A 132 21.73 4.96 -11.71
N THR A 133 23.00 4.93 -11.30
CA THR A 133 24.05 4.37 -12.16
C THR A 133 23.79 2.90 -12.44
N LEU A 134 23.21 2.19 -11.48
CA LEU A 134 22.90 0.79 -11.69
C LEU A 134 21.74 0.59 -12.68
N ALA A 135 20.71 1.42 -12.61
CA ALA A 135 19.45 1.08 -13.25
C ALA A 135 19.17 1.85 -14.54
N ASN A 136 19.93 2.92 -14.82
CA ASN A 136 19.74 3.74 -16.01
C ASN A 136 19.61 2.86 -17.24
N ALA A 137 18.54 3.08 -18.01
CA ALA A 137 18.32 2.42 -19.29
C ALA A 137 18.32 0.89 -19.16
N THR A 138 17.94 0.36 -18.00
CA THR A 138 17.68 -1.05 -17.81
C THR A 138 16.20 -1.27 -17.54
N SER A 139 15.81 -2.54 -17.47
CA SER A 139 14.43 -2.84 -17.10
C SER A 139 14.18 -2.69 -15.61
N LEU A 140 15.17 -2.26 -14.84
CA LEU A 140 14.97 -2.00 -13.41
C LEU A 140 14.41 -0.59 -13.24
N THR A 141 13.20 -0.49 -12.71
CA THR A 141 12.47 0.76 -12.65
C THR A 141 12.79 1.49 -11.34
N VAL A 142 13.31 2.71 -11.46
CA VAL A 142 13.65 3.56 -10.31
C VAL A 142 12.91 4.89 -10.46
N PRO A 143 11.72 5.02 -9.88
CA PRO A 143 10.96 6.28 -10.02
C PRO A 143 11.79 7.45 -9.54
N GLU A 144 11.80 8.53 -10.32
CA GLU A 144 12.62 9.67 -9.94
C GLU A 144 12.01 10.40 -8.74
N LEU A 145 12.81 11.27 -8.13
CA LEU A 145 12.28 12.14 -7.09
C LEU A 145 11.32 13.16 -7.69
N LEU A 146 10.35 13.58 -6.89
CA LEU A 146 9.47 14.66 -7.31
C LEU A 146 10.22 15.99 -7.27
N PRO A 147 10.07 16.85 -8.29
CA PRO A 147 10.76 18.14 -8.27
C PRO A 147 10.13 19.12 -7.29
N GLY A 148 10.87 20.17 -6.97
CA GLY A 148 10.37 21.26 -6.13
C GLY A 148 10.65 21.05 -4.65
N ASP A 149 10.31 22.06 -3.86
CA ASP A 149 10.35 21.87 -2.41
C ASP A 149 9.09 21.09 -1.99
N GLY A 150 8.87 20.98 -0.68
CA GLY A 150 7.90 20.02 -0.16
C GLY A 150 6.49 20.25 -0.63
N ALA A 151 6.03 21.50 -0.60
CA ALA A 151 4.65 21.75 -0.98
C ALA A 151 4.43 21.44 -2.46
N GLN A 152 5.44 21.69 -3.30
CA GLN A 152 5.29 21.44 -4.73
C GLN A 152 5.27 19.94 -5.03
N ALA A 153 6.18 19.19 -4.38
CA ALA A 153 6.21 17.73 -4.54
C ALA A 153 4.92 17.09 -4.06
N PHE A 154 4.39 17.58 -2.94
CA PHE A 154 3.14 17.05 -2.42
C PHE A 154 1.98 17.32 -3.37
N ALA A 155 1.93 18.51 -3.95
CA ALA A 155 0.88 18.85 -4.91
C ALA A 155 1.00 18.00 -6.16
N CYS A 156 2.21 17.92 -6.72
CA CYS A 156 2.46 17.08 -7.89
C CYS A 156 2.04 15.65 -7.64
N SER A 157 2.40 15.11 -6.47
CA SER A 157 2.00 13.76 -6.10
C SER A 157 0.48 13.62 -6.10
N ARG A 158 -0.23 14.64 -5.61
CA ARG A 158 -1.69 14.58 -5.61
C ARG A 158 -2.23 14.60 -7.02
N LYS A 159 -1.64 15.44 -7.88
CA LYS A 159 -2.03 15.51 -9.28
C LYS A 159 -2.01 14.14 -9.94
N HIS A 160 -0.96 13.34 -9.68
CA HIS A 160 -0.86 11.98 -10.20
C HIS A 160 -1.77 11.00 -9.49
N GLY A 161 -2.46 11.40 -8.43
CA GLY A 161 -3.26 10.44 -7.71
C GLY A 161 -2.46 9.46 -6.89
N TRP A 162 -1.19 9.75 -6.64
CA TRP A 162 -0.43 8.85 -5.80
C TRP A 162 -0.91 8.99 -4.35
N GLU A 163 -0.43 8.08 -3.51
CA GLU A 163 -0.94 7.96 -2.14
C GLU A 163 -0.48 9.12 -1.25
N GLY A 164 0.64 9.74 -1.59
CA GLY A 164 1.28 10.73 -0.74
C GLY A 164 2.72 10.89 -1.19
N VAL A 165 3.52 11.43 -0.27
CA VAL A 165 4.96 11.63 -0.46
C VAL A 165 5.69 11.02 0.72
N ILE A 166 6.87 10.45 0.47
CA ILE A 166 7.80 10.18 1.55
C ILE A 166 9.05 11.00 1.31
N ALA A 167 9.34 11.90 2.24
CA ALA A 167 10.54 12.70 2.27
C ALA A 167 11.63 11.94 3.02
N LYS A 168 12.77 11.77 2.39
CA LYS A 168 13.88 11.07 3.01
C LYS A 168 15.06 12.04 3.10
N ARG A 169 15.61 12.20 4.31
CA ARG A 169 16.67 13.19 4.47
C ARG A 169 17.89 12.77 3.67
N ARG A 170 18.41 13.69 2.86
CA ARG A 170 19.48 13.36 1.92
C ARG A 170 20.75 12.89 2.63
N ASP A 171 20.98 13.32 3.87
CA ASP A 171 22.19 12.86 4.54
C ASP A 171 22.01 11.58 5.35
N SER A 172 20.83 10.94 5.28
CA SER A 172 20.47 9.93 6.26
C SER A 172 20.98 8.54 5.89
N ARG A 173 21.32 7.77 6.91
CA ARG A 173 21.73 6.39 6.75
C ARG A 173 20.50 5.49 6.66
N TYR A 174 20.72 4.24 6.31
CA TYR A 174 19.65 3.25 6.23
C TYR A 174 19.67 2.43 7.51
N GLN A 175 18.55 2.44 8.24
CA GLN A 175 18.46 1.80 9.55
C GLN A 175 17.48 0.65 9.44
N PRO A 176 17.94 -0.57 9.20
CA PRO A 176 17.00 -1.69 8.99
C PRO A 176 16.08 -1.86 10.19
N GLY A 177 14.80 -2.12 9.92
CA GLY A 177 13.86 -2.46 10.96
C GLY A 177 13.50 -1.35 11.92
N ARG A 178 13.94 -0.12 11.69
CA ARG A 178 13.69 0.99 12.59
C ARG A 178 12.78 2.01 11.90
N ARG A 179 11.80 2.51 12.65
CA ARG A 179 11.02 3.67 12.20
C ARG A 179 11.77 4.92 12.61
N CYS A 180 12.09 5.78 11.65
CA CYS A 180 13.05 6.86 11.88
C CYS A 180 12.47 8.21 11.54
N ALA A 181 12.97 9.23 12.25
CA ALA A 181 12.60 10.60 11.93
C ALA A 181 13.21 11.08 10.63
N SER A 182 14.19 10.36 10.09
CA SER A 182 14.80 10.74 8.81
C SER A 182 13.94 10.43 7.59
N TRP A 183 12.85 9.68 7.72
CA TRP A 183 11.88 9.44 6.64
C TRP A 183 10.53 9.95 7.13
N VAL A 184 9.89 10.84 6.37
CA VAL A 184 8.61 11.43 6.80
C VAL A 184 7.56 11.06 5.76
N LYS A 185 6.50 10.37 6.19
CA LYS A 185 5.44 9.98 5.28
C LYS A 185 4.22 10.86 5.49
N ASP A 186 3.62 11.24 4.38
CA ASP A 186 2.55 12.25 4.36
C ASP A 186 1.54 11.79 3.31
N LYS A 187 0.36 11.33 3.76
CA LYS A 187 -0.61 10.74 2.87
C LYS A 187 -1.68 11.74 2.47
N HIS A 188 -2.21 11.57 1.26
CA HIS A 188 -3.17 12.56 0.78
C HIS A 188 -4.54 12.36 1.40
N TRP A 189 -4.98 11.12 1.58
CA TRP A 189 -6.33 10.85 2.02
C TRP A 189 -6.33 10.16 3.38
N ASN A 190 -7.34 10.50 4.19
CA ASN A 190 -7.59 9.80 5.43
C ASN A 190 -8.12 8.40 5.15
N THR A 191 -7.99 7.53 6.15
CA THR A 191 -8.22 6.10 6.02
C THR A 191 -8.94 5.57 7.25
N GLN A 192 -9.93 4.70 7.04
CA GLN A 192 -10.77 4.20 8.12
C GLN A 192 -11.03 2.70 7.97
N GLU A 193 -10.88 1.95 9.06
CA GLU A 193 -11.31 0.56 9.08
C GLU A 193 -12.81 0.48 9.38
N VAL A 194 -13.48 -0.46 8.72
CA VAL A 194 -14.93 -0.62 8.85
C VAL A 194 -15.28 -2.10 8.89
N VAL A 195 -16.49 -2.40 9.40
CA VAL A 195 -17.03 -3.75 9.40
C VAL A 195 -18.13 -3.82 8.34
N ILE A 196 -18.09 -4.86 7.52
CA ILE A 196 -19.07 -5.03 6.46
C ILE A 196 -20.34 -5.60 7.06
N GLY A 197 -21.48 -4.97 6.76
CA GLY A 197 -22.74 -5.33 7.36
C GLY A 197 -23.78 -5.83 6.37
N GLY A 198 -23.51 -5.60 5.10
CA GLY A 198 -24.38 -6.08 4.04
C GLY A 198 -23.77 -5.76 2.70
N TRP A 199 -24.42 -6.25 1.64
CA TRP A 199 -23.97 -5.99 0.28
C TRP A 199 -25.16 -5.94 -0.67
N ARG A 200 -24.99 -5.17 -1.74
CA ARG A 200 -25.90 -5.05 -2.88
C ARG A 200 -25.23 -5.66 -4.12
N ALA A 201 -26.00 -5.90 -5.19
CA ALA A 201 -25.52 -6.60 -6.39
C ALA A 201 -25.68 -5.77 -7.67
N GLY A 202 -24.61 -5.09 -8.07
CA GLY A 202 -24.54 -4.40 -9.36
C GLY A 202 -25.50 -3.24 -9.54
N GLY A 209 -23.70 -10.89 -7.99
CA GLY A 209 -22.66 -9.87 -7.97
C GLY A 209 -22.69 -9.04 -6.69
N VAL A 210 -21.79 -8.06 -6.63
CA VAL A 210 -21.70 -7.18 -5.48
C VAL A 210 -21.35 -5.79 -5.98
N GLY A 211 -22.36 -4.99 -6.27
CA GLY A 211 -22.22 -3.63 -6.70
C GLY A 211 -21.66 -2.72 -5.66
N SER A 212 -21.70 -3.12 -4.39
CA SER A 212 -21.30 -2.26 -3.28
C SER A 212 -21.45 -3.00 -1.96
N LEU A 213 -20.88 -2.40 -0.91
CA LEU A 213 -20.95 -2.93 0.44
C LEU A 213 -21.48 -1.86 1.38
N LEU A 214 -22.08 -2.30 2.47
CA LEU A 214 -22.61 -1.40 3.50
C LEU A 214 -21.67 -1.46 4.69
N MET A 215 -21.09 -0.31 5.05
CA MET A 215 -20.05 -0.23 6.06
C MET A 215 -20.60 0.21 7.42
N GLY A 216 -19.94 -0.23 8.49
CA GLY A 216 -20.35 0.18 9.83
C GLY A 216 -19.20 0.21 10.81
N ILE A 217 -19.38 1.00 11.87
CA ILE A 217 -18.46 1.07 13.00
C ILE A 217 -19.14 0.42 14.19
N PRO A 218 -18.50 -0.54 14.87
CA PRO A 218 -19.13 -1.17 16.02
C PRO A 218 -19.41 -0.17 17.13
N GLY A 219 -20.59 -0.29 17.72
CA GLY A 219 -20.97 0.48 18.88
C GLY A 219 -21.88 -0.34 19.78
N PRO A 220 -22.34 0.27 20.88
CA PRO A 220 -23.10 -0.50 21.87
C PRO A 220 -24.30 -1.26 21.31
N GLY A 221 -25.04 -0.68 20.37
CA GLY A 221 -26.21 -1.37 19.85
C GLY A 221 -26.03 -2.06 18.53
N GLY A 222 -24.79 -2.22 18.09
CA GLY A 222 -24.50 -2.80 16.79
C GLY A 222 -23.64 -1.89 15.92
N LEU A 223 -23.60 -2.14 14.62
CA LEU A 223 -22.83 -1.31 13.71
C LEU A 223 -23.51 0.03 13.50
N GLN A 224 -22.75 1.10 13.63
CA GLN A 224 -23.23 2.43 13.29
C GLN A 224 -22.95 2.65 11.81
N PHE A 225 -24.02 2.76 11.02
CA PHE A 225 -23.89 2.83 9.58
C PHE A 225 -22.96 3.96 9.16
N ALA A 226 -21.98 3.64 8.33
CA ALA A 226 -20.97 4.61 7.92
C ALA A 226 -21.02 4.87 6.43
N GLY A 227 -22.00 4.32 5.72
CA GLY A 227 -22.19 4.60 4.31
C GLY A 227 -21.96 3.37 3.46
N ARG A 228 -22.06 3.60 2.15
CA ARG A 228 -21.86 2.57 1.14
C ARG A 228 -20.57 2.84 0.38
N VAL A 229 -19.80 1.78 0.12
CA VAL A 229 -18.61 1.87 -0.71
C VAL A 229 -18.85 1.04 -1.96
N GLY A 230 -18.55 1.63 -3.13
CA GLY A 230 -18.65 0.91 -4.38
C GLY A 230 -17.43 1.10 -5.27
N THR A 231 -16.67 2.16 -5.01
CA THR A 231 -15.56 2.56 -5.85
C THR A 231 -14.28 1.83 -5.43
N GLY A 232 -13.50 1.43 -6.43
CA GLY A 232 -12.25 0.73 -6.21
C GLY A 232 -12.33 -0.77 -6.26
N LEU A 233 -13.43 -1.33 -6.76
CA LEU A 233 -13.67 -2.77 -6.74
C LEU A 233 -14.02 -3.24 -8.14
N SER A 234 -13.41 -4.35 -8.57
CA SER A 234 -13.64 -4.83 -9.93
C SER A 234 -13.24 -6.30 -10.04
N GLU A 235 -13.96 -7.01 -10.91
CA GLU A 235 -13.61 -8.33 -11.41
C GLU A 235 -13.22 -9.31 -10.32
N ARG A 236 -11.91 -9.60 -10.23
CA ARG A 236 -11.44 -10.71 -9.42
C ARG A 236 -11.87 -10.61 -7.97
N GLU A 237 -11.85 -9.41 -7.40
CA GLU A 237 -11.98 -9.28 -5.95
C GLU A 237 -13.41 -9.57 -5.49
N LEU A 238 -14.37 -9.02 -6.23
CA LEU A 238 -15.79 -9.24 -5.98
C LEU A 238 -16.13 -10.71 -5.95
N ALA A 239 -15.53 -11.48 -6.87
CA ALA A 239 -15.68 -12.93 -6.91
C ALA A 239 -15.25 -13.54 -5.59
N ASN A 240 -14.11 -13.11 -5.05
CA ASN A 240 -13.68 -13.60 -3.74
C ASN A 240 -14.59 -13.06 -2.64
N LEU A 241 -15.01 -11.78 -2.75
CA LEU A 241 -15.93 -11.20 -1.77
C LEU A 241 -17.18 -12.07 -1.63
N LYS A 242 -17.70 -12.57 -2.75
CA LYS A 242 -18.92 -13.39 -2.70
C LYS A 242 -18.69 -14.67 -1.91
N GLU A 243 -17.49 -15.26 -1.97
CA GLU A 243 -17.22 -16.46 -1.20
C GLU A 243 -17.00 -16.15 0.27
N MET A 244 -16.41 -15.01 0.59
CA MET A 244 -16.26 -14.64 1.99
C MET A 244 -17.59 -14.24 2.61
N LEU A 245 -18.51 -13.69 1.80
CA LEU A 245 -19.79 -13.22 2.32
C LEU A 245 -20.79 -14.35 2.49
N ALA A 246 -20.80 -15.32 1.55
CA ALA A 246 -21.75 -16.42 1.52
C ALA A 246 -21.95 -17.09 2.89
N PRO A 247 -20.91 -17.55 3.59
CA PRO A 247 -21.15 -18.21 4.88
C PRO A 247 -21.71 -17.26 5.94
N LEU A 248 -21.61 -15.96 5.72
CA LEU A 248 -22.01 -14.98 6.73
C LEU A 248 -23.47 -14.56 6.62
N HIS A 249 -24.19 -15.02 5.58
CA HIS A 249 -25.61 -14.73 5.37
C HIS A 249 -26.40 -14.74 6.67
N THR A 250 -27.22 -13.71 6.86
CA THR A 250 -28.10 -13.67 8.01
C THR A 250 -29.31 -12.81 7.68
N ASP A 251 -30.45 -13.13 8.27
CA ASP A 251 -31.65 -12.32 8.06
C ASP A 251 -31.64 -11.06 8.91
N GLU A 252 -31.00 -11.11 10.08
CA GLU A 252 -31.00 -9.99 11.00
C GLU A 252 -29.98 -8.94 10.56
N SER A 253 -30.42 -7.68 10.53
CA SER A 253 -29.49 -6.60 10.24
C SER A 253 -28.57 -6.38 11.42
N PRO A 254 -27.28 -6.15 11.18
CA PRO A 254 -26.34 -5.87 12.28
C PRO A 254 -26.25 -4.41 12.69
N PHE A 255 -27.00 -3.53 12.04
CA PHE A 255 -26.90 -2.09 12.27
C PHE A 255 -27.75 -1.67 13.46
N ASP A 256 -27.34 -0.58 14.12
CA ASP A 256 -28.02 -0.21 15.36
C ASP A 256 -29.31 0.57 15.11
N VAL A 257 -29.57 0.94 13.86
CA VAL A 257 -30.85 1.53 13.44
C VAL A 257 -31.21 0.86 12.12
N PRO A 258 -32.48 0.52 11.87
CA PRO A 258 -32.82 -0.04 10.56
C PRO A 258 -32.43 0.94 9.46
N LEU A 259 -31.71 0.42 8.46
CA LEU A 259 -31.18 1.31 7.43
C LEU A 259 -32.30 2.09 6.75
N PRO A 260 -32.04 3.35 6.36
CA PRO A 260 -32.98 4.07 5.51
C PRO A 260 -33.24 3.29 4.23
N ALA A 261 -34.46 3.45 3.71
CA ALA A 261 -34.90 2.63 2.58
C ALA A 261 -33.93 2.71 1.40
N ARG A 262 -33.38 3.90 1.15
CA ARG A 262 -32.44 4.06 0.04
C ARG A 262 -31.23 3.16 0.24
N ASP A 263 -30.71 3.09 1.47
CA ASP A 263 -29.50 2.31 1.74
C ASP A 263 -29.76 0.81 1.81
N ALA A 264 -30.99 0.41 2.11
CA ALA A 264 -31.34 -0.99 2.30
C ALA A 264 -31.88 -1.65 1.04
N LYS A 265 -31.96 -0.92 -0.06
CA LYS A 265 -32.59 -1.44 -1.27
C LYS A 265 -31.76 -2.59 -1.84
N GLY A 266 -32.42 -3.74 -2.03
CA GLY A 266 -31.76 -4.92 -2.56
C GLY A 266 -30.60 -5.43 -1.73
N ILE A 267 -30.74 -5.43 -0.43
CA ILE A 267 -29.61 -5.73 0.44
C ILE A 267 -29.74 -7.15 0.99
N THR A 268 -28.58 -7.77 1.23
CA THR A 268 -28.49 -8.98 2.04
C THR A 268 -27.58 -8.66 3.22
N TYR A 269 -28.03 -8.96 4.42
CA TYR A 269 -27.20 -8.66 5.59
C TYR A 269 -26.24 -9.81 5.86
N VAL A 270 -25.12 -9.48 6.47
CA VAL A 270 -24.13 -10.47 6.86
C VAL A 270 -23.83 -10.28 8.34
N LYS A 271 -23.45 -11.35 9.00
CA LYS A 271 -22.96 -11.21 10.34
C LYS A 271 -21.75 -10.27 10.32
N PRO A 272 -21.60 -9.41 11.32
CA PRO A 272 -20.53 -8.40 11.28
C PRO A 272 -19.16 -8.98 11.55
N ALA A 273 -18.56 -9.60 10.54
CA ALA A 273 -17.32 -10.34 10.73
C ALA A 273 -16.16 -9.80 9.91
N LEU A 274 -16.37 -9.45 8.65
CA LEU A 274 -15.29 -8.99 7.79
C LEU A 274 -14.93 -7.54 8.10
N VAL A 275 -13.63 -7.30 8.31
CA VAL A 275 -13.09 -5.95 8.45
C VAL A 275 -12.44 -5.55 7.12
N ALA A 276 -12.81 -4.38 6.61
CA ALA A 276 -12.23 -3.82 5.40
C ALA A 276 -11.66 -2.44 5.72
N GLU A 277 -11.03 -1.82 4.73
CA GLU A 277 -10.43 -0.50 4.90
C GLU A 277 -10.80 0.35 3.70
N VAL A 278 -11.10 1.62 3.96
CA VAL A 278 -11.51 2.54 2.91
C VAL A 278 -10.79 3.87 3.09
N ARG A 279 -10.65 4.58 1.98
CA ARG A 279 -10.16 5.95 2.02
C ARG A 279 -11.36 6.88 1.91
N TYR A 280 -11.23 8.07 2.52
CA TYR A 280 -12.35 9.00 2.57
C TYR A 280 -11.80 10.40 2.78
N SER A 281 -12.59 11.38 2.34
CA SER A 281 -12.25 12.77 2.60
C SER A 281 -12.54 13.13 4.06
N GLU A 282 -13.81 13.14 4.45
CA GLU A 282 -14.23 13.65 5.75
C GLU A 282 -15.43 12.85 6.25
N TRP A 283 -15.75 13.04 7.52
CA TRP A 283 -16.96 12.49 8.11
C TRP A 283 -18.09 13.51 8.00
N THR A 284 -19.27 13.06 7.56
CA THR A 284 -20.46 13.89 7.65
C THR A 284 -20.80 14.15 9.12
N PRO A 285 -21.51 15.23 9.42
CA PRO A 285 -21.89 15.48 10.82
C PRO A 285 -22.76 14.38 11.41
N GLU A 286 -23.41 13.55 10.60
CA GLU A 286 -24.24 12.46 11.10
C GLU A 286 -23.51 11.11 11.08
N GLY A 287 -22.26 11.07 10.68
CA GLY A 287 -21.44 9.90 10.85
C GLY A 287 -21.25 9.01 9.65
N ARG A 288 -21.37 9.54 8.45
CA ARG A 288 -21.08 8.78 7.24
C ARG A 288 -19.76 9.24 6.64
N LEU A 289 -19.11 8.33 5.93
CA LEU A 289 -17.83 8.60 5.28
C LEU A 289 -18.08 9.30 3.95
N ARG A 290 -17.49 10.48 3.78
CA ARG A 290 -17.61 11.22 2.53
C ARG A 290 -16.65 10.65 1.50
N GLN A 291 -17.10 10.60 0.24
CA GLN A 291 -16.29 10.18 -0.89
C GLN A 291 -15.39 9.02 -0.52
N SER A 292 -16.02 7.92 -0.12
CA SER A 292 -15.30 6.72 0.24
C SER A 292 -14.88 5.96 -1.01
N SER A 293 -13.76 5.26 -0.91
CA SER A 293 -13.36 4.36 -1.98
C SER A 293 -12.65 3.16 -1.37
N TRP A 294 -12.79 2.02 -2.03
CA TRP A 294 -12.29 0.76 -1.49
C TRP A 294 -10.77 0.70 -1.60
N ARG A 295 -10.12 0.35 -0.49
CA ARG A 295 -8.71 -0.02 -0.54
C ARG A 295 -8.56 -1.53 -0.47
N GLY A 296 -9.28 -2.19 0.43
CA GLY A 296 -9.22 -3.63 0.49
C GLY A 296 -9.73 -4.16 1.81
N LEU A 297 -9.75 -5.48 1.89
CA LEU A 297 -10.16 -6.16 3.10
C LEU A 297 -8.96 -6.33 4.02
N ARG A 298 -9.22 -6.41 5.33
CA ARG A 298 -8.16 -6.51 6.34
C ARG A 298 -8.37 -7.76 7.18
N PRO A 299 -8.03 -8.94 6.65
CA PRO A 299 -8.27 -10.18 7.41
C PRO A 299 -7.44 -10.30 8.68
N ASP A 300 -6.46 -9.42 8.90
CA ASP A 300 -5.71 -9.41 10.13
C ASP A 300 -6.50 -8.81 11.29
N LYS A 301 -7.37 -7.85 11.00
CA LYS A 301 -8.17 -7.20 12.02
C LYS A 301 -9.45 -7.99 12.28
N LYS A 302 -10.01 -7.79 13.47
CA LYS A 302 -11.30 -8.33 13.82
C LYS A 302 -12.23 -7.19 14.23
N PRO A 303 -13.54 -7.36 14.08
CA PRO A 303 -14.47 -6.23 14.32
C PRO A 303 -14.30 -5.51 15.66
N SER A 304 -13.97 -6.21 16.74
CA SER A 304 -13.91 -5.56 18.05
C SER A 304 -12.77 -4.55 18.17
N GLU A 305 -11.84 -4.50 17.20
CA GLU A 305 -10.81 -3.47 17.21
C GLU A 305 -11.15 -2.26 16.35
N VAL A 306 -12.21 -2.33 15.54
CA VAL A 306 -12.58 -1.22 14.67
C VAL A 306 -13.16 -0.09 15.53
N VAL A 307 -12.53 1.08 15.50
CA VAL A 307 -13.02 2.27 16.18
C VAL A 307 -12.93 3.45 15.22
N ARG A 308 -13.75 4.46 15.47
CA ARG A 308 -13.73 5.65 14.62
C ARG A 308 -12.41 6.37 14.82
N GLU A 309 -11.58 6.37 13.77
CA GLU A 309 -10.24 6.93 13.84
C GLU A 309 -10.24 8.41 13.46
PG ATP B . 3.80 1.35 8.21
O1G ATP B . 4.64 2.60 8.15
O2G ATP B . 3.95 0.59 9.49
O3G ATP B . 3.90 0.47 6.98
PB ATP B . 1.10 1.68 7.17
O1B ATP B . -0.09 2.45 7.70
O2B ATP B . 0.99 0.27 6.67
O3B ATP B . 2.25 1.83 8.30
PA ATP B . 1.27 4.01 5.52
O1A ATP B . 1.08 4.88 6.74
O2A ATP B . 0.19 3.91 4.47
O3A ATP B . 1.72 2.54 5.96
O5' ATP B . 2.65 4.40 4.77
C5' ATP B . 2.80 3.99 3.42
C4' ATP B . 3.47 2.62 3.37
O4' ATP B . 3.99 2.33 2.07
C3' ATP B . 4.65 2.53 4.31
O3' ATP B . 4.79 1.17 4.70
C2' ATP B . 5.82 2.84 3.40
O2' ATP B . 7.01 2.30 3.99
C1' ATP B . 5.43 2.18 2.09
N9 ATP B . 5.98 2.97 0.98
C8 ATP B . 5.31 3.37 -0.11
N7 ATP B . 6.09 4.10 -0.94
C5 ATP B . 7.30 4.18 -0.37
C6 ATP B . 8.59 4.80 -0.70
N6 ATP B . 8.77 5.53 -1.83
N1 ATP B . 9.60 4.64 0.18
C2 ATP B . 9.47 3.93 1.32
N3 ATP B . 8.32 3.35 1.70
C4 ATP B . 7.22 3.43 0.90
MG MG C . 2.55 -1.31 5.31
MG MG D . -0.43 1.97 3.07
#